data_7NP9
#
_entry.id   7NP9
#
_cell.length_a   82.781
_cell.length_b   82.781
_cell.length_c   72.456
_cell.angle_alpha   90.000
_cell.angle_beta   90.000
_cell.angle_gamma   90.000
#
_symmetry.space_group_name_H-M   'I 41 2 2'
#
loop_
_entity.id
_entity.type
_entity.pdbx_description
1 polymer hCR3Nb1
2 non-polymer 'SULFATE ION'
3 water water
#
_entity_poly.entity_id   1
_entity_poly.type   'polypeptide(L)'
_entity_poly.pdbx_seq_one_letter_code
;MQVQLVETGGGLVQAGGSLRLSCAASGNINSFNAMGWFRQAPGKQRELVAAITFGGRTNYADSVKGRFTISRDNTKGSVY
LQMNSLKPEDTAVYYCAASENNLLTGVWHYWGRGTQVTVSSLEHHHHHH
;
_entity_poly.pdbx_strand_id   C
#
# COMPACT_ATOMS: atom_id res chain seq x y z
N MET A 1 -17.78 -5.45 -14.40
CA MET A 1 -17.07 -6.05 -13.23
C MET A 1 -16.69 -4.97 -12.23
N GLN A 2 -16.86 -5.27 -10.95
CA GLN A 2 -16.41 -4.38 -9.89
C GLN A 2 -14.89 -4.30 -9.88
N VAL A 3 -14.37 -3.12 -9.49
CA VAL A 3 -12.93 -2.96 -9.38
C VAL A 3 -12.38 -3.97 -8.38
N GLN A 4 -11.25 -4.61 -8.76
CA GLN A 4 -10.57 -5.59 -7.93
C GLN A 4 -9.09 -5.22 -7.77
N LEU A 5 -8.57 -5.38 -6.56
CA LEU A 5 -7.20 -5.03 -6.21
C LEU A 5 -6.45 -6.31 -5.83
N VAL A 6 -5.29 -6.53 -6.45
CA VAL A 6 -4.42 -7.67 -6.13
C VAL A 6 -3.02 -7.14 -5.89
N GLU A 7 -2.50 -7.34 -4.68
CA GLU A 7 -1.18 -6.84 -4.33
C GLU A 7 -0.14 -7.86 -4.76
N THR A 8 1.00 -7.38 -5.23
CA THR A 8 2.14 -8.25 -5.56
C THR A 8 3.38 -7.68 -4.87
N GLY A 9 4.37 -8.54 -4.68
CA GLY A 9 5.65 -8.13 -4.18
C GLY A 9 5.97 -8.55 -2.76
N GLY A 10 5.04 -9.13 -2.03
CA GLY A 10 5.30 -9.51 -0.66
C GLY A 10 6.33 -10.62 -0.54
N GLY A 11 6.94 -10.70 0.64
CA GLY A 11 7.81 -11.81 0.95
C GLY A 11 8.70 -11.51 2.15
N LEU A 12 9.76 -12.30 2.25
CA LEU A 12 10.72 -12.15 3.34
CA LEU A 12 10.72 -12.15 3.34
C LEU A 12 11.85 -11.25 2.88
N VAL A 13 12.26 -10.33 3.75
CA VAL A 13 13.30 -9.35 3.44
C VAL A 13 14.17 -9.15 4.67
N GLN A 14 15.45 -8.87 4.44
CA GLN A 14 16.37 -8.65 5.52
C GLN A 14 16.31 -7.20 5.99
N ALA A 15 16.39 -7.00 7.31
CA ALA A 15 16.44 -5.64 7.85
C ALA A 15 17.55 -4.84 7.19
N GLY A 16 17.25 -3.57 6.89
CA GLY A 16 18.11 -2.70 6.14
C GLY A 16 17.90 -2.78 4.65
N GLY A 17 17.19 -3.80 4.18
CA GLY A 17 16.93 -3.97 2.77
C GLY A 17 15.71 -3.18 2.35
N SER A 18 15.23 -3.52 1.17
CA SER A 18 14.13 -2.78 0.56
C SER A 18 13.22 -3.73 -0.21
N LEU A 19 12.00 -3.26 -0.47
CA LEU A 19 11.00 -4.07 -1.14
C LEU A 19 10.03 -3.10 -1.79
N ARG A 20 9.57 -3.44 -2.98
CA ARG A 20 8.51 -2.72 -3.68
C ARG A 20 7.26 -3.58 -3.73
N LEU A 21 6.14 -3.03 -3.23
CA LEU A 21 4.84 -3.64 -3.43
C LEU A 21 4.13 -2.91 -4.56
N SER A 22 3.31 -3.65 -5.30
CA SER A 22 2.56 -3.09 -6.42
CA SER A 22 2.55 -3.06 -6.40
C SER A 22 1.13 -3.58 -6.35
N CYS A 23 0.22 -2.79 -6.92
CA CYS A 23 -1.16 -3.22 -7.04
C CYS A 23 -1.75 -2.60 -8.28
N ALA A 24 -2.25 -3.48 -9.13
N ALA A 24 -2.38 -3.40 -9.13
CA ALA A 24 -3.07 -3.11 -10.26
CA ALA A 24 -2.97 -2.90 -10.37
C ALA A 24 -4.52 -3.18 -9.82
C ALA A 24 -4.46 -3.21 -10.38
N ALA A 25 -5.27 -2.17 -10.18
CA ALA A 25 -6.71 -2.23 -10.02
C ALA A 25 -7.34 -2.61 -11.35
N SER A 26 -8.14 -3.66 -11.32
CA SER A 26 -8.84 -4.04 -12.52
C SER A 26 -10.12 -3.23 -12.70
N GLY A 27 -10.57 -3.19 -13.93
CA GLY A 27 -11.80 -2.48 -14.26
C GLY A 27 -11.54 -1.05 -14.66
N ASN A 28 -12.54 -0.21 -14.43
CA ASN A 28 -12.58 1.16 -14.96
C ASN A 28 -11.84 2.10 -14.02
N ILE A 29 -10.71 2.65 -14.49
CA ILE A 29 -9.93 3.61 -13.73
C ILE A 29 -10.76 4.82 -13.30
N ASN A 30 -11.79 5.19 -14.05
CA ASN A 30 -12.61 6.32 -13.64
C ASN A 30 -13.38 6.06 -12.36
N SER A 31 -13.58 4.79 -11.96
N SER A 31 -13.61 4.80 -12.05
CA SER A 31 -14.38 4.41 -10.78
CA SER A 31 -14.41 4.50 -10.87
C SER A 31 -13.61 4.43 -9.47
C SER A 31 -13.73 5.00 -9.60
N PHE A 32 -12.37 4.89 -9.52
CA PHE A 32 -11.64 5.10 -8.28
C PHE A 32 -10.68 6.26 -8.43
N ASN A 33 -10.24 6.77 -7.29
CA ASN A 33 -9.36 7.93 -7.27
C ASN A 33 -8.24 7.68 -6.27
N ALA A 34 -8.47 8.00 -4.99
CA ALA A 34 -7.43 7.80 -3.99
C ALA A 34 -7.12 6.32 -3.83
N MET A 35 -5.83 6.03 -3.61
CA MET A 35 -5.39 4.69 -3.31
C MET A 35 -4.49 4.78 -2.09
N GLY A 36 -4.36 3.69 -1.37
CA GLY A 36 -3.53 3.67 -0.18
C GLY A 36 -3.02 2.29 0.13
N TRP A 37 -2.04 2.27 1.03
CA TRP A 37 -1.50 1.05 1.59
C TRP A 37 -1.71 1.07 3.09
N PHE A 38 -2.33 0.01 3.57
CA PHE A 38 -2.53 -0.26 4.98
C PHE A 38 -1.61 -1.41 5.37
N ARG A 39 -1.25 -1.45 6.65
CA ARG A 39 -0.52 -2.60 7.15
C ARG A 39 -1.08 -3.03 8.49
N GLN A 40 -1.15 -4.34 8.67
CA GLN A 40 -1.64 -4.95 9.90
C GLN A 40 -0.55 -5.86 10.45
N ALA A 41 0.16 -5.41 11.47
CA ALA A 41 1.11 -6.23 12.18
C ALA A 41 0.33 -7.13 13.13
N PRO A 42 0.94 -8.22 13.59
CA PRO A 42 0.21 -9.12 14.48
C PRO A 42 -0.29 -8.40 15.71
N GLY A 43 -1.58 -8.58 16.01
CA GLY A 43 -2.20 -7.96 17.15
C GLY A 43 -2.76 -6.57 16.89
N LYS A 44 -2.50 -5.98 15.72
CA LYS A 44 -2.79 -4.58 15.48
C LYS A 44 -3.99 -4.41 14.57
N GLN A 45 -4.54 -3.19 14.58
CA GLN A 45 -5.52 -2.81 13.56
CA GLN A 45 -5.51 -2.82 13.55
C GLN A 45 -4.80 -2.56 12.24
N ARG A 46 -5.56 -2.62 11.13
CA ARG A 46 -5.00 -2.17 9.86
C ARG A 46 -4.71 -0.68 9.98
N GLU A 47 -3.48 -0.29 9.73
CA GLU A 47 -2.99 1.08 9.86
C GLU A 47 -2.68 1.64 8.49
N LEU A 48 -3.26 2.78 8.14
CA LEU A 48 -2.95 3.43 6.88
C LEU A 48 -1.56 4.03 6.99
N VAL A 49 -0.65 3.60 6.14
CA VAL A 49 0.69 4.15 6.20
C VAL A 49 1.04 5.07 5.01
N ALA A 50 0.33 4.98 3.89
CA ALA A 50 0.59 5.89 2.77
C ALA A 50 -0.65 5.95 1.90
N ALA A 51 -0.96 7.14 1.42
CA ALA A 51 -2.10 7.34 0.54
C ALA A 51 -1.74 8.35 -0.53
N ILE A 52 -2.44 8.28 -1.66
CA ILE A 52 -2.11 9.10 -2.83
C ILE A 52 -3.39 9.46 -3.57
N THR A 53 -3.52 10.73 -3.93
CA THR A 53 -4.66 11.18 -4.70
C THR A 53 -4.47 10.76 -6.17
N PHE A 54 -5.54 10.91 -6.95
CA PHE A 54 -5.45 10.54 -8.36
C PHE A 54 -4.32 11.28 -9.07
N GLY A 55 -4.12 12.56 -8.74
CA GLY A 55 -3.08 13.40 -9.31
C GLY A 55 -1.71 13.25 -8.68
N GLY A 56 -1.55 12.40 -7.68
CA GLY A 56 -0.23 12.08 -7.17
C GLY A 56 0.19 12.75 -5.89
N ARG A 57 -0.71 13.46 -5.21
CA ARG A 57 -0.36 14.09 -3.93
CA ARG A 57 -0.34 14.08 -3.95
C ARG A 57 -0.44 13.05 -2.83
N THR A 58 0.51 13.10 -1.90
CA THR A 58 0.70 12.01 -0.96
C THR A 58 0.57 12.43 0.50
N ASN A 59 0.32 11.42 1.34
CA ASN A 59 0.37 11.59 2.77
C ASN A 59 0.86 10.30 3.40
N TYR A 60 1.72 10.43 4.41
CA TYR A 60 2.36 9.28 5.03
C TYR A 60 2.10 9.26 6.53
N ALA A 61 2.02 8.06 7.07
CA ALA A 61 2.10 7.91 8.51
C ALA A 61 3.49 8.30 8.98
N ASP A 62 3.54 8.90 10.16
CA ASP A 62 4.82 9.34 10.70
C ASP A 62 5.80 8.20 10.83
N SER A 63 5.30 7.00 11.09
CA SER A 63 6.15 5.85 11.33
C SER A 63 6.94 5.39 10.10
N VAL A 64 6.58 5.85 8.91
CA VAL A 64 7.25 5.46 7.68
C VAL A 64 7.84 6.62 6.91
N LYS A 65 7.67 7.85 7.39
CA LYS A 65 8.19 9.00 6.66
CA LYS A 65 8.18 9.00 6.67
C LYS A 65 9.69 8.91 6.48
N GLY A 66 10.14 9.27 5.28
CA GLY A 66 11.53 9.23 4.95
C GLY A 66 12.04 7.88 4.54
N ARG A 67 11.23 6.86 4.67
CA ARG A 67 11.61 5.52 4.28
C ARG A 67 10.74 4.92 3.20
N PHE A 68 9.44 5.18 3.22
CA PHE A 68 8.53 4.61 2.24
C PHE A 68 8.09 5.70 1.28
N THR A 69 7.90 5.34 0.01
CA THR A 69 7.39 6.27 -1.00
C THR A 69 6.22 5.58 -1.72
N ILE A 70 5.08 6.24 -1.73
CA ILE A 70 3.94 5.81 -2.53
C ILE A 70 3.92 6.58 -3.84
N SER A 71 3.64 5.89 -4.94
CA SER A 71 3.55 6.50 -6.27
C SER A 71 2.50 5.76 -7.05
N ARG A 72 2.12 6.32 -8.18
CA ARG A 72 1.09 5.69 -8.99
C ARG A 72 1.34 5.96 -10.46
N ASP A 73 0.76 5.11 -11.30
CA ASP A 73 0.79 5.28 -12.76
C ASP A 73 -0.62 4.99 -13.24
N ASN A 74 -1.39 6.04 -13.51
CA ASN A 74 -2.78 5.82 -13.91
C ASN A 74 -2.91 5.17 -15.27
N THR A 75 -1.90 5.31 -16.14
CA THR A 75 -1.97 4.62 -17.41
C THR A 75 -1.92 3.12 -17.26
N LYS A 76 -1.49 2.62 -16.10
CA LYS A 76 -1.46 1.19 -15.77
C LYS A 76 -2.39 0.84 -14.63
N GLY A 77 -3.25 1.78 -14.21
CA GLY A 77 -4.15 1.54 -13.12
C GLY A 77 -3.47 1.06 -11.85
N SER A 78 -2.25 1.52 -11.58
CA SER A 78 -1.42 0.90 -10.57
C SER A 78 -0.94 1.91 -9.53
N VAL A 79 -0.67 1.36 -8.34
CA VAL A 79 -0.07 2.09 -7.23
C VAL A 79 1.06 1.23 -6.69
N TYR A 80 2.08 1.89 -6.13
CA TYR A 80 3.32 1.25 -5.74
C TYR A 80 3.72 1.77 -4.37
N LEU A 81 4.40 0.91 -3.62
CA LEU A 81 4.95 1.28 -2.32
C LEU A 81 6.40 0.82 -2.32
N GLN A 82 7.32 1.76 -2.37
CA GLN A 82 8.75 1.47 -2.31
C GLN A 82 9.15 1.61 -0.85
N MET A 83 9.55 0.51 -0.23
CA MET A 83 9.85 0.47 1.19
C MET A 83 11.37 0.31 1.34
N ASN A 84 12.02 1.37 1.81
CA ASN A 84 13.45 1.36 2.02
C ASN A 84 13.77 1.29 3.50
N SER A 85 15.01 0.92 3.82
CA SER A 85 15.47 0.92 5.19
C SER A 85 14.52 0.14 6.10
N LEU A 86 14.17 -1.06 5.68
CA LEU A 86 13.18 -1.84 6.41
C LEU A 86 13.69 -2.28 7.77
N LYS A 87 12.77 -2.40 8.71
CA LYS A 87 13.04 -2.78 10.09
C LYS A 87 12.10 -3.91 10.46
N PRO A 88 12.47 -4.72 11.46
CA PRO A 88 11.57 -5.78 11.91
C PRO A 88 10.16 -5.29 12.23
N GLU A 89 10.05 -4.08 12.75
CA GLU A 89 8.78 -3.48 13.11
C GLU A 89 7.89 -3.22 11.91
N ASP A 90 8.41 -3.32 10.69
CA ASP A 90 7.63 -3.18 9.48
C ASP A 90 6.96 -4.48 9.04
N THR A 91 7.17 -5.59 9.77
CA THR A 91 6.55 -6.86 9.44
C THR A 91 5.05 -6.74 9.62
N ALA A 92 4.29 -7.15 8.59
CA ALA A 92 2.84 -6.99 8.61
C ALA A 92 2.25 -7.60 7.35
N VAL A 93 0.93 -7.78 7.38
CA VAL A 93 0.15 -7.95 6.15
C VAL A 93 -0.11 -6.56 5.58
N TYR A 94 0.28 -6.34 4.34
CA TYR A 94 0.08 -5.07 3.63
C TYR A 94 -1.11 -5.23 2.69
N TYR A 95 -2.06 -4.30 2.81
CA TYR A 95 -3.28 -4.29 2.00
CA TYR A 95 -3.27 -4.29 1.98
C TYR A 95 -3.26 -3.04 1.12
N CYS A 96 -3.64 -3.19 -0.14
CA CYS A 96 -3.96 -2.03 -0.95
C CYS A 96 -5.46 -1.74 -0.81
N ALA A 97 -5.79 -0.47 -0.72
CA ALA A 97 -7.18 -0.01 -0.68
C ALA A 97 -7.36 1.10 -1.71
N ALA A 98 -8.60 1.28 -2.15
CA ALA A 98 -8.93 2.37 -3.05
C ALA A 98 -10.29 2.92 -2.66
N SER A 99 -10.49 4.16 -3.06
CA SER A 99 -11.75 4.87 -2.83
C SER A 99 -12.35 5.33 -4.14
N GLU A 100 -13.69 5.35 -4.20
CA GLU A 100 -14.32 6.07 -5.31
C GLU A 100 -13.87 7.52 -5.36
N ASN A 101 -13.60 8.12 -4.19
CA ASN A 101 -13.35 9.54 -4.06
C ASN A 101 -11.86 9.82 -3.86
N ASN A 102 -11.51 11.10 -3.79
CA ASN A 102 -10.13 11.53 -3.94
C ASN A 102 -9.54 12.09 -2.65
N LEU A 103 -10.02 11.65 -1.51
CA LEU A 103 -9.51 12.07 -0.22
C LEU A 103 -8.49 11.05 0.28
N LEU A 104 -7.57 11.49 1.11
CA LEU A 104 -6.47 10.66 1.57
C LEU A 104 -6.78 9.88 2.84
N THR A 105 -8.01 9.97 3.37
CA THR A 105 -8.39 9.36 4.65
C THR A 105 -9.67 8.52 4.62
N GLY A 106 -10.11 8.09 3.44
CA GLY A 106 -11.33 7.34 3.30
C GLY A 106 -12.34 8.10 2.46
N VAL A 107 -13.45 7.44 2.18
CA VAL A 107 -13.81 6.13 2.63
C VAL A 107 -13.21 5.10 1.69
N TRP A 108 -12.68 4.03 2.28
CA TRP A 108 -12.02 2.98 1.50
C TRP A 108 -13.04 1.93 1.08
N HIS A 109 -13.48 2.05 -0.16
CA HIS A 109 -14.54 1.22 -0.70
C HIS A 109 -14.04 -0.11 -1.24
N TYR A 110 -12.77 -0.19 -1.61
CA TYR A 110 -12.24 -1.35 -2.30
CA TYR A 110 -12.24 -1.35 -2.30
C TYR A 110 -10.98 -1.79 -1.57
N TRP A 111 -10.80 -3.10 -1.43
CA TRP A 111 -9.69 -3.67 -0.67
C TRP A 111 -9.12 -4.88 -1.37
N GLY A 112 -7.80 -4.99 -1.37
CA GLY A 112 -7.15 -6.23 -1.74
C GLY A 112 -7.22 -7.22 -0.59
N ARG A 113 -6.71 -8.43 -0.84
CA ARG A 113 -6.68 -9.47 0.18
CA ARG A 113 -6.68 -9.47 0.18
C ARG A 113 -5.41 -9.42 1.03
N GLY A 114 -4.45 -8.59 0.68
CA GLY A 114 -3.24 -8.43 1.45
C GLY A 114 -2.12 -9.36 1.03
N THR A 115 -0.91 -8.94 1.36
CA THR A 115 0.30 -9.72 1.12
C THR A 115 1.21 -9.58 2.33
N GLN A 116 1.82 -10.68 2.73
CA GLN A 116 2.69 -10.70 3.91
C GLN A 116 4.08 -10.16 3.57
N VAL A 117 4.58 -9.27 4.42
CA VAL A 117 5.97 -8.80 4.39
C VAL A 117 6.58 -9.10 5.74
N THR A 118 7.66 -9.89 5.75
CA THR A 118 8.34 -10.27 6.98
C THR A 118 9.77 -9.77 6.89
N VAL A 119 10.16 -8.92 7.83
CA VAL A 119 11.49 -8.32 7.89
C VAL A 119 12.25 -8.98 9.04
N SER A 120 13.34 -9.65 8.70
CA SER A 120 14.13 -10.40 9.67
C SER A 120 15.30 -9.55 10.16
N SER A 121 15.59 -9.65 11.45
CA SER A 121 16.66 -8.88 12.04
C SER A 121 18.01 -9.42 11.59
N LEU A 122 19.02 -8.56 11.67
CA LEU A 122 20.39 -8.96 11.37
C LEU A 122 21.10 -9.54 12.60
N GLU A 123 20.66 -9.18 13.79
CA GLU A 123 21.22 -9.72 15.03
C GLU A 123 20.36 -10.86 15.56
#